data_1EG0
#
_entry.id   1EG0
#
_cell.length_a   1.0
_cell.length_b   1.0
_cell.length_c   1.0
_cell.angle_alpha   90.0
_cell.angle_beta   90.0
_cell.angle_gamma   90.0
#
_symmetry.space_group_name_H-M   'P 1'
#
loop_
_entity.id
_entity.type
_entity.pdbx_description
1 polymer 'FRAGMENT OF 16S RRNA HELIX 23'
2 polymer 'FRAGMENT OF 23S RRNA'
3 polymer 'HELIX 95 OF 23S RRNA'
4 polymer FORMYL-METHIONYL-TRNA
5 polymer 'PROTEIN (S4 RIBOSOMAL PROTEIN)'
6 polymer 'PROTEIN (S5 RIBOSOMAL PROTEIN)'
7 polymer 'PROTEIN (S6 RIBOSOMAL PROTEIN)'
8 polymer 'PROTEIN (S7 RIBOSOMAL PROTEIN)'
9 polymer 'PROTEIN (S8 RIBOSOMAL PROTEIN)'
10 polymer 'PROTEIN (S15 RIBOSOMAL PROTEIN)'
11 polymer 'PROTEIN (S17 RIBOSOMAL PROTEIN)'
12 polymer 'PROTEIN (S20 RIBOSOMAL PROTEIN)'
13 polymer 'PROTEIN (RIBOSOMAL PROTEIN L1)'
14 polymer 'PROTEIN (RIBOSOMAL PROTEIN L6)'
15 polymer 'PROTEIN (RIBOSOMAL PROTEIN L11)'
#
loop_
_entity_poly.entity_id
_entity_poly.type
_entity_poly.pdbx_seq_one_letter_code
_entity_poly.pdbx_strand_id
1 'polyribonucleotide'
;(N)(N)(N)(N)(N)(N)(N)(N)(N)(N)(N)(N)(N)(N)(N)(N)(N)(N)(N)(N)(N)(N)(N)(N)(N)(N)
(N)(N)(N)(N)(N)(N)(N)
;
I
2 'polyribonucleotide' CUGGGAUGUUGGCUUAGAAGCAGCCAUCAUUUAAAGAGUGCGUAACAGCUCACCAGC L
3 'polyribonucleotide' GCUCCUAGUACGAGAGGACCGGAGUG M
4 'polyribonucleotide'
;CGCGGGG(4SU)GGAGCAGCCGG(H2U)AGCUCGUCGGG(OMC)UCAUAACCCGAAGAUCGUCGG(5MU)(PSU)CAAAU
CCGGCCCCCGCAACCA
;
O
5 'polypeptide(L)'
;MKLSEYGLQLQEKQKLRHMYGVNERQFRKTFEEAGKMPGKHGENFMILLESRLDNLVYRLGLARTRRQARQLVTHGHILV
DGSRVNIPSYRVKPGQTIAVREKSRNLQVIKEALEANNYIPDYLSFDPEKMEGTYTRLPERSELPAEINEALIVEFYSR
;
A
6 'polypeptide(L)'
;MRRINPNKLELEERVVAVNRVAKVVKGGRRLRFSALVVVGDKNGHVGFGTGKAQEVPEAIRKAIEDAKKNLIEVPIVGTT
IPHEVIGHFGAGEIILKPASEGTGVIAGGPARAVLELAGISDILSKSIGSNTPINMVRATFDGLKQLK
;
B
7 'polypeptide(L)'
;MRRYEVNIVLNPNLDQSQLALEKEIIQRALENYGARVEKVEELGLRRLAYPIAKDPQGYFLWYQVEMPEDRVNDLARELR
IRDNVRRVMVVKSQEPF
;
C
8 'polypeptide(L)'
;MARRRRAEVRQLQPDLVYGDVLVTAFINKIMRDGKKNLAARIFYDACKIIQEKTGQEPLKVFKQAVENVKPRMEVRSRRV
GGANYQVPMEVSPRRQQSLALRWLVQAANQRPERRAAVRIAHELMDAAEGKGGAVKKKEDVERMAE
;
D
9 'polypeptide(L)'
;MLTDPIADMLTRIRNATRVYKESTDVPASRFKEEILRILAREGFIKGYERVDVDGKPYLRVYLKYGPRRQGPDPRPEQVI
HHIRRISKPGRRVYVGVKEIPRVRRGLGIAILSTSKGVLTDREARKLGVGGELICEVW
;
E
10 'polypeptide(L)'
;MPITKEEKQKVIQEFARFPGDTGSTEVQVALLTLRINRLSEHLKVHKKDHHSHRGLLMMVGQRRRLLRYLQREDPERYRA
LIEKLGIRG
;
F
11 'polypeptide(L)'
;SERNQRKVYVGRVVSDKMDKTITVLVETYKKHPLYGKRVKYSKKYKAHDEHNEAKVGDIVKIMETRPLSATKRFRLVEIV
EKAVRAGAGAGAA
;
G
12 'polypeptide(L)'
;(UNK)(UNK)(UNK)(UNK)(UNK)(UNK)(UNK)(UNK)(UNK)(UNK)(UNK)(UNK)(UNK)(UNK)(UNK)(UNK)
(UNK)(UNK)(UNK)(UNK)(UNK)(UNK)(UNK)(UNK)(UNK)(UNK)(UNK)(UNK)(UNK)(UNK)(UNK)(UNK)
(UNK)(UNK)(UNK)(UNK)(UNK)(UNK)(UNK)(UNK)(UNK)(UNK)(UNK)(UNK)(UNK)(UNK)(UNK)(UNK)
(UNK)(UNK)(UNK)(UNK)(UNK)(UNK)(UNK)(UNK)(UNK)(UNK)(UNK)(UNK)(UNK)(UNK)(UNK)(UNK)
(UNK)(UNK)(UNK)(UNK)(UNK)(UNK)(UNK)(UNK)(UNK)(UNK)(UNK)(UNK)(UNK)(UNK)(UNK)(UNK)
(UNK)(UNK)(UNK)(UNK)(UNK)(UNK)(UNK)(UNK)(UNK)(UNK)(UNK)(UNK)(UNK)(UNK)(UNK)(UNK)
(UNK)(UNK)(UNK)(UNK)
;
H
13 'polypeptide(L)'
;MPKHGKRYRALLEKVDPNKIYTIDEAAHLVKELATAKFDETVEVHAKLGIDPRRSDQNVRGTVSLPHGLGKQVRVLAIAK
GEKIKEAEEAGADYVGGEEIIQKILDGWMDFDAVVATPDVMGAVGSKLGRILGPRGLLPNPKAGTVGFNIGEIIREIKAG
RIEFRNDKTGAIHAPVGKASFPPEKLADNIRAFIRALEAHKPEGAKGTFLRSVYVTTTMGPSVRINPHS
;
N
14 'polypeptide(L)'
;MSRVGKKPIEIPAGVTVTVNGNTVTVKGPKGELTRTFHPDMTITVEGNVITVTRPSDEKHHRALHGTTRSLLANMVEGVS
KGYEKALELVGVGYRASKQGKKLVLSVGYSHPVEIEPEEGLEIEVPSQTKIIVKGADKQRVGELAANIRAVRPPEPYKGK
GIRYEGELVRL
;
J
15 'polypeptide(L)'
;MAKKVAAQIKLQLPAGKATPAPPVGPALGQHGVNIMEFCKRFNAETADKAGMILPVVITVYEDKSFTFIIKTPPASFLLK
KAAGIEKGSSEPKRKIVGKVTRKQIEEIAKTKMPDLNANSLEAAMKIIEGTAKSMGIEVV
;
K
#
# COMPACT_ATOMS: atom_id res chain seq x y z
CA MET E 1 -21.28 -27.91 25.30
CA LYS E 2 -24.65 -26.65 26.62
CA LEU E 3 -27.04 -26.94 23.67
CA SER E 4 -29.19 -23.79 23.36
CA GLU E 5 -32.99 -23.88 22.98
CA TYR E 6 -32.72 -23.29 19.22
CA GLY E 7 -31.51 -26.91 19.01
CA LEU E 8 -34.25 -28.26 21.32
CA GLN E 9 -36.95 -26.69 19.12
CA LEU E 10 -35.94 -28.47 15.89
CA GLN E 11 -35.12 -31.56 17.99
CA GLU E 12 -38.83 -31.81 18.86
CA LYS E 13 -39.62 -31.59 15.11
CA GLN E 14 -37.24 -34.52 14.49
CA LYS E 15 -39.34 -36.70 16.82
CA LEU E 16 -42.85 -35.72 15.66
CA ARG E 17 -41.33 -36.30 12.20
CA HIS E 18 -40.12 -39.91 12.58
CA MET E 19 -43.17 -40.51 14.81
CA TYR E 20 -46.00 -41.83 12.60
CA GLY E 21 -43.58 -41.56 9.65
CA VAL E 22 -44.49 -38.09 8.30
CA ASN E 23 -42.28 -37.36 5.27
CA GLU E 24 -40.81 -33.84 5.15
CA ARG E 25 -42.95 -32.81 2.15
CA GLN E 26 -46.05 -34.07 4.00
CA PHE E 27 -44.77 -32.30 7.14
CA ARG E 28 -44.26 -28.82 5.64
CA LYS E 29 -47.22 -29.30 3.26
CA THR E 30 -49.68 -30.65 5.86
CA PHE E 31 -48.48 -27.62 7.88
CA GLU E 32 -49.27 -24.58 5.67
CA GLU E 33 -52.35 -26.71 4.90
CA ALA E 34 -53.49 -26.94 8.55
CA GLY E 35 -53.32 -23.13 8.90
CA LYS E 36 -56.61 -23.23 6.95
CA MET E 37 -58.89 -24.60 9.70
CA PRO E 38 -59.42 -22.14 12.64
CA GLY E 39 -58.38 -23.48 16.09
CA LYS E 40 -54.73 -23.02 17.15
CA HIS E 41 -52.55 -23.78 14.10
CA GLY E 42 -50.46 -26.17 16.25
CA GLU E 43 -53.55 -28.25 17.14
CA ASN E 44 -54.50 -28.47 13.44
CA PHE E 45 -51.07 -29.92 12.56
CA MET E 46 -51.49 -32.37 15.47
CA ILE E 47 -54.95 -33.17 14.01
CA LEU E 48 -53.90 -33.86 10.38
CA LEU E 49 -50.95 -36.10 11.36
CA GLU E 50 -53.61 -38.50 12.69
CA SER E 51 -56.14 -37.93 9.87
CA ARG E 52 -53.48 -39.54 7.62
CA LEU E 53 -55.25 -42.39 5.79
CA ASP E 54 -52.60 -44.85 7.05
CA ASN E 55 -52.68 -43.56 10.65
CA LEU E 56 -56.46 -44.01 11.04
CA VAL E 57 -56.24 -47.56 9.61
CA TYR E 58 -53.42 -48.60 11.98
CA ARG E 59 -55.07 -46.64 14.82
CA LEU E 60 -58.21 -48.81 14.55
CA GLY E 61 -57.05 -52.45 14.18
CA LEU E 62 -56.97 -53.39 10.46
CA ALA E 63 -53.15 -53.55 10.39
CA ARG E 64 -50.39 -54.24 12.93
CA THR E 65 -48.10 -51.35 11.91
CA ARG E 66 -47.73 -48.57 9.31
CA ARG E 67 -45.99 -51.10 7.05
CA GLN E 68 -49.28 -53.02 7.24
CA ALA E 69 -51.73 -50.08 7.22
CA ARG E 70 -49.92 -48.07 4.51
CA GLN E 71 -49.89 -51.19 2.29
CA LEU E 72 -53.66 -51.61 2.83
CA VAL E 73 -54.46 -48.11 1.53
CA THR E 74 -52.24 -48.43 -1.58
CA HIS E 75 -54.03 -51.73 -2.25
CA GLY E 76 -57.13 -49.55 -2.72
CA HIS E 77 -58.91 -51.68 -0.07
CA ILE E 78 -60.04 -48.90 2.30
CA LEU E 79 -63.39 -47.49 1.10
CA VAL E 80 -63.70 -43.94 2.46
CA ASP E 81 -67.35 -42.77 2.59
CA GLY E 82 -67.78 -45.82 0.34
CA SER E 83 -65.03 -44.89 -2.14
CA ARG E 84 -61.66 -46.52 -2.89
CA VAL E 85 -58.91 -44.12 -1.67
CA ASN E 86 -55.58 -45.79 -2.56
CA ILE E 87 -54.13 -42.31 -1.92
CA PRO E 88 -52.19 -42.21 1.43
CA SER E 89 -51.63 -38.41 1.43
CA TYR E 90 -55.39 -37.82 1.05
CA ARG E 91 -57.28 -36.56 4.14
CA VAL E 92 -60.56 -37.67 5.76
CA LYS E 93 -63.04 -35.46 7.67
CA PRO E 94 -66.03 -36.14 10.01
CA GLY E 95 -69.06 -37.71 8.27
CA GLN E 96 -66.71 -39.99 6.26
CA THR E 97 -66.57 -43.75 7.00
CA ILE E 98 -63.42 -45.90 6.67
CA ALA E 99 -64.43 -49.39 5.42
CA VAL E 100 -62.30 -52.35 4.30
CA ARG E 101 -63.02 -53.46 0.72
CA GLU E 102 -65.05 -56.70 0.57
CA LYS E 103 -62.58 -58.90 -1.38
CA SER E 104 -59.98 -57.33 0.96
CA ARG E 105 -61.48 -58.78 4.20
CA ASN E 106 -59.97 -62.29 4.38
CA LEU E 107 -56.56 -60.57 4.27
CA GLN E 108 -54.57 -62.45 6.95
CA VAL E 109 -52.73 -59.19 7.73
CA ILE E 110 -56.16 -57.72 8.66
CA LYS E 111 -57.74 -60.77 10.30
CA GLU E 112 -54.51 -60.71 12.32
CA ALA E 113 -54.71 -57.00 13.23
CA LEU E 114 -58.41 -57.29 14.24
CA GLU E 115 -57.25 -59.15 17.37
CA ALA E 116 -54.39 -56.70 18.04
CA ASN E 117 -57.23 -54.21 18.69
CA ASN E 118 -57.53 -53.35 22.40
CA TYR E 119 -57.71 -49.54 22.56
CA ILE E 120 -59.71 -47.50 19.99
CA PRO E 121 -59.95 -43.67 20.51
CA ASP E 122 -63.35 -42.20 21.50
CA TYR E 123 -63.88 -40.24 18.24
CA LEU E 124 -63.38 -43.46 16.19
CA SER E 125 -66.21 -46.03 16.07
CA PHE E 126 -64.97 -49.50 14.95
CA ASP E 127 -67.54 -51.91 13.43
CA PRO E 128 -66.20 -55.54 13.52
CA GLU E 129 -69.22 -57.29 11.94
CA LYS E 130 -68.97 -55.27 8.69
CA MET E 131 -65.31 -54.30 9.32
CA GLU E 132 -66.15 -50.58 9.00
CA GLY E 133 -64.66 -47.66 11.00
CA THR E 134 -66.49 -44.30 11.28
CA TYR E 135 -65.00 -40.87 11.97
CA THR E 136 -67.73 -39.81 14.44
CA ARG E 137 -65.76 -36.76 15.70
CA LEU E 138 -62.40 -34.92 15.60
CA PRO E 139 -59.41 -36.04 17.78
CA GLU E 140 -58.02 -34.12 20.81
CA ARG E 141 -54.72 -33.84 22.72
CA SER E 142 -55.96 -36.13 25.54
CA GLU E 143 -55.16 -38.91 23.01
CA LEU E 144 -52.36 -37.50 20.82
CA PRO E 145 -48.72 -37.68 22.11
CA ALA E 146 -48.50 -35.26 25.07
CA GLU E 147 -44.69 -35.40 25.30
CA ILE E 148 -44.76 -33.36 22.05
CA ASN E 149 -44.83 -29.55 21.71
CA GLU E 150 -45.46 -27.79 18.36
CA ALA E 151 -44.85 -24.27 19.76
CA LEU E 152 -41.05 -24.40 19.30
CA ILE E 153 -42.02 -25.67 15.82
CA VAL E 154 -44.69 -22.96 15.36
CA GLU E 155 -42.46 -19.87 15.35
CA PHE E 156 -40.07 -22.00 13.27
CA TYR E 157 -41.95 -20.93 10.12
CA SER E 158 -41.97 -17.31 11.34
CA ARG E 159 -38.16 -17.27 11.05
CA ILE F 4 -44.21 -15.99 44.48
CA ASN F 5 -43.18 -19.22 46.33
CA PRO F 6 -40.92 -21.33 44.01
CA ASN F 7 -41.52 -24.47 46.00
CA LYS F 8 -45.21 -24.51 45.05
CA LEU F 9 -44.35 -24.40 41.34
CA GLU F 10 -42.85 -27.10 39.12
CA LEU F 11 -40.16 -25.06 37.40
CA GLU F 12 -38.25 -25.96 34.16
CA GLU F 13 -34.59 -24.73 34.20
CA ARG F 14 -32.80 -23.64 31.04
CA VAL F 15 -29.15 -22.56 30.73
CA VAL F 16 -28.98 -19.59 28.23
CA ALA F 17 -25.27 -18.63 28.52
CA VAL F 18 -22.04 -19.81 30.17
CA ASN F 19 -18.96 -17.63 30.21
CA ARG F 20 -15.25 -18.26 30.49
CA VAL F 21 -12.14 -19.81 29.20
CA ALA F 22 -12.16 -18.69 25.49
CA LYS F 23 -14.80 -16.30 26.97
CA VAL F 24 -18.27 -17.41 25.68
CA VAL F 25 -18.47 -21.18 26.05
CA LYS F 26 -22.08 -21.74 26.67
CA GLY F 27 -20.63 -24.78 28.67
CA GLY F 28 -17.02 -26.11 29.11
CA ARG F 29 -13.73 -26.14 31.27
CA ARG F 30 -10.76 -24.07 33.08
CA LEU F 31 -10.56 -21.04 35.71
CA ARG F 32 -13.72 -18.91 36.66
CA PHE F 33 -17.26 -19.23 35.10
CA SER F 34 -20.59 -17.36 35.09
CA ALA F 35 -23.93 -18.91 34.02
CA LEU F 36 -27.23 -17.24 33.03
CA VAL F 37 -30.30 -19.43 33.74
CA VAL F 38 -34.04 -18.73 33.11
CA VAL F 39 -36.57 -20.87 35.08
CA GLY F 40 -40.37 -20.94 34.66
CA ASP F 41 -43.54 -23.03 34.80
CA LYS F 42 -45.16 -22.39 31.38
CA ASN F 43 -48.00 -20.76 33.33
CA GLY F 44 -47.02 -17.13 33.77
CA HIS F 45 -44.10 -17.44 36.22
CA VAL F 46 -40.50 -16.87 34.94
CA GLY F 47 -37.37 -15.64 36.70
CA PHE F 48 -33.73 -15.34 35.51
CA GLY F 49 -30.48 -15.58 37.46
CA THR F 50 -26.78 -15.33 37.24
CA GLY F 51 -24.12 -17.42 39.07
CA LYS F 52 -20.24 -17.25 39.31
CA ALA F 53 -17.85 -20.01 40.57
CA GLN F 54 -14.60 -21.86 39.46
CA GLU F 55 -16.64 -24.78 38.30
CA VAL F 56 -19.58 -24.71 35.60
CA PRO F 57 -21.94 -26.98 37.72
CA GLU F 58 -21.72 -24.67 40.84
CA ALA F 59 -22.19 -21.50 38.78
CA ILE F 60 -25.31 -23.13 37.25
CA ARG F 61 -26.61 -24.25 40.71
CA LYS F 62 -26.16 -20.66 41.98
CA ALA F 63 -27.79 -19.13 38.92
CA ILE F 64 -30.79 -21.41 39.53
CA GLU F 65 -31.08 -20.38 43.22
CA ASP F 66 -30.93 -16.75 42.12
CA ALA F 67 -33.61 -17.11 39.40
CA LYS F 68 -35.92 -18.78 41.91
CA LYS F 69 -35.64 -15.63 44.02
CA ASN F 70 -36.51 -13.35 41.16
CA LEU F 71 -39.77 -14.85 39.93
CA ILE F 72 -42.38 -12.60 38.23
CA GLU F 73 -45.90 -13.32 37.18
CA VAL F 74 -46.94 -12.41 33.64
CA PRO F 75 -50.48 -11.93 32.25
CA ILE F 76 -51.13 -14.12 29.19
CA VAL F 77 -54.35 -14.03 27.17
CA GLY F 78 -54.81 -17.34 25.35
CA THR F 79 -51.33 -17.93 23.95
CA THR F 80 -50.03 -14.27 23.72
CA ILE F 81 -49.57 -11.10 25.77
CA PRO F 82 -52.33 -8.50 26.51
CA HIS F 83 -50.53 -5.55 24.72
CA GLU F 84 -47.34 -4.01 23.25
CA VAL F 85 -44.44 -3.20 25.54
CA ILE F 86 -40.74 -2.10 25.13
CA GLY F 87 -38.21 -3.60 27.51
CA HIS F 88 -35.05 -1.63 28.07
CA PHE F 89 -32.23 -2.79 30.37
CA GLY F 90 -28.73 -1.57 29.78
CA ALA F 91 -27.73 -2.00 26.16
CA GLY F 92 -30.70 -4.26 25.48
CA GLU F 93 -34.04 -3.04 24.22
CA ILE F 94 -36.76 -5.21 22.74
CA ILE F 95 -40.29 -4.52 21.48
CA LEU F 96 -42.87 -7.23 22.25
CA LYS F 97 -46.30 -7.38 20.48
CA PRO F 98 -49.45 -9.70 20.66
CA ALA F 99 -49.67 -12.11 17.73
CA SER F 100 -52.59 -14.26 16.68
CA GLU F 101 -52.80 -17.92 17.45
CA GLY F 102 -50.59 -19.54 14.88
CA THR F 103 -47.68 -17.04 14.72
CA GLY F 104 -45.03 -18.62 16.93
CA VAL F 105 -42.50 -16.97 19.30
CA ILE F 106 -40.73 -14.87 16.68
CA ALA F 107 -37.71 -14.00 18.81
CA GLY F 108 -33.94 -14.67 19.11
CA GLY F 109 -33.00 -17.71 21.25
CA PRO F 110 -32.22 -16.01 24.63
CA ALA F 111 -35.46 -14.09 24.37
CA ARG F 112 -37.34 -17.24 23.12
CA ALA F 113 -36.14 -19.00 26.34
CA VAL F 114 -37.72 -16.38 28.56
CA LEU F 115 -41.00 -16.22 26.50
CA GLU F 116 -41.47 -19.99 26.34
CA LEU F 117 -40.82 -20.52 30.06
CA ALA F 118 -43.35 -17.81 30.92
CA GLY F 119 -45.88 -19.80 28.82
CA ILE F 120 -46.25 -17.51 25.76
CA SER F 121 -46.57 -19.26 22.42
CA ASP F 122 -47.45 -16.60 19.82
CA ILE F 123 -45.67 -13.19 20.02
CA LEU F 124 -43.72 -10.85 17.76
CA SER F 125 -40.57 -9.29 19.16
CA LYS F 126 -38.16 -6.81 17.56
CA SER F 127 -34.64 -6.43 19.03
CA ILE F 128 -33.51 -2.85 19.00
CA GLY F 129 -30.21 -3.19 20.99
CA SER F 130 -27.51 -5.63 22.11
CA ASN F 131 -28.27 -9.18 21.03
CA THR F 132 -25.94 -10.86 23.57
CA PRO F 133 -27.81 -13.28 25.95
CA ILE F 134 -27.53 -11.24 29.22
CA ASN F 135 -28.87 -8.14 27.40
CA MET F 136 -31.73 -9.91 25.56
CA VAL F 137 -32.83 -11.70 28.71
CA ARG F 138 -32.80 -8.72 31.04
CA ALA F 139 -34.57 -6.48 28.49
CA THR F 140 -37.27 -9.14 27.61
CA PHE F 141 -37.79 -9.44 31.36
CA ASP F 142 -38.20 -5.69 31.72
CA GLY F 143 -40.87 -5.75 29.01
CA LEU F 144 -42.72 -8.60 30.68
CA LYS F 145 -42.75 -6.70 34.00
CA GLN F 146 -44.48 -3.78 32.37
CA LEU F 147 -47.54 -5.76 31.12
CA LYS F 148 -50.86 -4.98 32.90
CA MET G 1 -16.40 66.60 23.36
CA ARG G 2 -14.19 64.59 25.76
CA ARG G 3 -11.44 65.75 28.14
CA TYR G 4 -7.86 64.65 27.30
CA GLU G 5 -4.35 65.30 28.60
CA VAL G 6 -1.83 66.15 25.91
CA ASN G 7 1.83 65.41 26.84
CA ILE G 8 4.35 67.12 24.52
CA VAL G 9 8.12 66.56 24.75
CA LEU G 10 10.22 69.23 23.04
CA ASN G 11 13.85 69.49 22.08
CA PRO G 12 15.72 70.27 25.41
CA ASN G 13 18.14 72.78 23.73
CA LEU G 14 15.79 75.56 22.64
CA ASP G 15 16.25 79.15 23.81
CA GLN G 16 13.32 81.05 25.31
CA SER G 17 12.11 82.70 22.07
CA GLN G 18 12.22 79.32 20.26
CA LEU G 19 10.29 77.80 23.12
CA ALA G 20 7.61 80.55 23.12
CA LEU G 21 7.22 80.10 19.34
CA GLU G 22 6.68 76.31 19.57
CA LYS G 23 4.10 77.04 22.31
CA GLU G 24 2.24 79.46 20.11
CA ILE G 25 2.10 76.92 17.21
CA ILE G 26 0.81 74.28 19.63
CA GLN G 27 -1.98 76.64 20.88
CA ARG G 28 -3.11 77.53 17.37
CA ALA G 29 -3.08 73.82 16.42
CA LEU G 30 -5.18 73.20 19.53
CA GLU G 31 -7.75 75.92 18.69
CA ASN G 32 -7.87 74.89 15.10
CA TYR G 33 -8.83 71.34 15.96
CA GLY G 34 -11.70 72.34 18.23
CA ALA G 35 -9.87 72.26 21.60
CA ARG G 36 -10.87 74.26 24.65
CA VAL G 37 -7.57 74.60 26.56
CA GLU G 38 -8.35 74.40 30.28
CA LYS G 39 -4.87 74.02 31.88
CA VAL G 40 -1.31 74.24 30.65
CA GLU G 41 1.74 73.19 32.72
CA GLU G 42 5.35 73.79 31.76
CA LEU G 43 7.11 70.89 33.47
CA GLY G 44 10.75 71.42 32.39
CA LEU G 45 13.53 68.93 31.73
CA ARG G 46 13.23 65.29 32.52
CA ARG G 47 15.26 62.31 31.49
CA LEU G 48 13.43 60.24 28.85
CA ALA G 49 12.63 56.50 29.26
CA TYR G 50 14.71 56.05 26.06
CA PRO G 51 16.64 58.69 23.94
CA ILE G 52 14.92 60.41 21.02
CA ALA G 53 17.09 62.08 18.32
CA LYS G 54 20.08 60.86 20.36
CA ASP G 55 18.88 63.16 23.09
CA PRO G 56 18.28 61.53 26.53
CA GLN G 57 16.33 64.51 27.93
CA GLY G 58 13.37 66.52 26.83
CA TYR G 59 11.47 69.59 27.82
CA PHE G 60 7.96 68.62 28.99
CA LEU G 61 4.67 70.49 28.41
CA TRP G 62 1.23 69.16 29.61
CA TYR G 63 -2.23 70.43 28.59
CA GLN G 64 -5.70 69.59 29.87
CA VAL G 65 -8.11 70.09 26.98
CA GLU G 66 -11.77 69.39 26.07
CA MET G 67 -12.06 68.60 22.38
CA PRO G 68 -14.06 66.40 19.86
CA GLU G 69 -12.71 62.85 20.03
CA ASP G 70 -12.94 62.51 16.22
CA ARG G 71 -10.25 65.24 15.86
CA VAL G 72 -7.69 63.96 18.40
CA ASN G 73 -5.73 61.72 16.10
CA ASP G 74 -5.44 64.48 13.45
CA LEU G 75 -4.26 66.91 16.08
CA ALA G 76 -1.57 64.50 17.35
CA ARG G 77 -0.43 64.11 13.73
CA GLU G 78 -0.23 67.87 13.19
CA LEU G 79 1.78 68.40 16.38
CA ARG G 80 4.22 65.68 15.38
CA ILE G 81 5.39 67.42 12.20
CA ARG G 82 7.19 70.24 13.98
CA ASP G 83 10.84 69.26 14.08
CA ASN G 84 11.24 70.31 17.70
CA VAL G 85 8.35 68.10 18.94
CA ARG G 86 10.08 64.90 20.09
CA ARG G 87 6.97 63.07 21.40
CA VAL G 88 3.19 63.62 21.66
CA MET G 89 1.01 61.38 23.78
CA VAL G 90 -2.68 62.06 24.33
CA VAL G 91 -4.52 60.11 27.05
CA LYS G 92 -8.14 60.43 28.32
CA SER G 93 -8.34 62.58 31.44
CA GLN G 94 -9.13 60.49 34.57
CA GLU G 95 -8.93 63.00 37.39
CA PRO G 96 -9.35 66.45 35.84
CA PHE G 97 -8.20 69.68 37.36
CA LEU H 12 44.56 -6.55 61.96
CA GLN H 13 46.44 -7.57 65.09
CA PRO H 14 49.36 -5.36 66.09
CA ASP H 15 52.72 -6.95 65.24
CA LEU H 16 54.82 -8.79 67.86
CA VAL H 17 57.80 -6.40 68.13
CA TYR H 18 56.34 -2.93 67.55
CA GLY H 19 52.68 -3.63 68.39
CA ASP H 20 51.74 -1.86 65.18
CA VAL H 21 48.97 -2.78 62.71
CA LEU H 22 50.54 -1.07 59.69
CA VAL H 23 53.56 -3.35 60.25
CA THR H 24 51.25 -6.38 60.24
CA ALA H 25 49.64 -5.29 56.95
CA PHE H 26 53.10 -4.94 55.40
CA ILE H 27 54.20 -8.34 56.67
CA ASN H 28 51.04 -9.69 55.01
CA LYS H 29 52.14 -8.10 51.73
CA ILE H 30 55.64 -9.56 51.97
CA MET H 31 54.08 -12.94 52.85
CA ARG H 32 53.69 -15.76 50.34
CA ASP H 33 52.56 -19.38 50.75
CA GLY H 34 50.96 -18.23 54.00
CA LYS H 35 54.35 -18.24 55.69
CA LYS H 36 53.93 -15.36 58.17
CA ASN H 37 56.91 -16.95 59.91
CA LEU H 38 59.39 -16.09 57.14
CA ALA H 39 57.64 -12.80 56.29
CA ALA H 40 57.99 -11.40 59.83
CA ARG H 41 61.66 -12.39 60.00
CA ILE H 42 62.20 -10.68 56.63
CA PHE H 43 60.61 -7.45 57.86
CA TYR H 44 62.41 -7.30 61.23
CA ASP H 45 65.74 -8.09 59.50
CA ALA H 46 65.04 -5.22 57.09
CA CYS H 47 64.47 -3.05 60.17
CA LYS H 48 67.81 -4.22 61.60
CA ILE H 49 69.46 -3.30 58.32
CA ILE H 50 67.87 0.14 58.42
CA GLN H 51 69.08 0.81 61.97
CA GLU H 52 72.59 -0.54 61.36
CA LYS H 53 72.91 1.53 58.17
CA THR H 54 71.21 4.79 59.28
CA GLY H 55 71.27 4.67 63.06
CA GLN H 56 67.65 5.80 62.88
CA GLU H 57 64.69 4.00 64.48
CA PRO H 58 63.48 1.61 61.74
CA LEU H 59 59.82 1.94 62.76
CA LYS H 60 59.95 5.68 62.07
CA VAL H 61 61.62 5.05 58.70
CA PHE H 62 59.05 2.42 57.73
CA LYS H 63 56.16 4.76 58.60
CA GLN H 64 57.63 7.72 56.73
CA ALA H 65 58.21 5.46 53.69
CA VAL H 66 54.54 4.42 53.69
CA GLU H 67 53.32 8.00 54.15
CA ASN H 68 55.41 9.23 51.18
CA VAL H 69 54.00 6.54 48.86
CA LYS H 70 50.34 7.20 49.74
CA PRO H 71 48.40 8.48 46.71
CA ARG H 72 45.81 11.19 47.40
CA MET H 73 44.23 11.26 43.93
CA GLU H 74 44.12 8.64 41.15
CA VAL H 75 42.49 7.82 37.82
CA ARG H 76 40.61 4.75 38.99
CA SER H 77 39.78 1.85 36.67
CA ARG H 78 36.14 0.88 37.09
CA ARG H 79 33.67 -1.24 35.17
CA VAL H 80 30.20 0.29 34.89
CA GLY H 81 27.32 -1.34 33.03
CA GLY H 82 29.64 -3.78 31.31
CA ALA H 83 32.10 -1.14 30.10
CA ASN H 84 35.53 -0.16 31.37
CA TYR H 85 36.02 3.43 32.51
CA GLN H 86 38.79 5.56 34.04
CA VAL H 87 37.47 7.88 36.72
CA PRO H 88 39.50 10.68 38.36
CA MET H 89 38.85 10.56 42.11
CA GLU H 90 40.23 10.96 45.62
CA VAL H 91 41.70 7.89 47.28
CA SER H 92 40.09 6.67 50.50
CA PRO H 93 42.45 6.33 53.47
CA ARG H 94 41.93 2.52 53.23
CA ARG H 95 43.00 2.38 49.61
CA GLN H 96 45.86 4.83 50.29
CA GLN H 97 47.43 2.23 52.56
CA SER H 98 46.78 -0.77 50.29
CA LEU H 99 48.24 1.12 47.33
CA ALA H 100 51.23 2.35 49.41
CA LEU H 101 52.09 -1.16 50.66
CA ARG H 102 51.50 -2.71 47.22
CA TRP H 103 53.88 -0.29 45.46
CA LEU H 104 56.52 -0.60 48.19
CA VAL H 105 56.56 -4.41 47.78
CA GLN H 106 56.36 -4.22 43.97
CA ALA H 107 59.39 -1.92 43.83
CA ALA H 108 61.43 -3.84 46.39
CA ASN H 109 60.58 -6.96 44.39
CA GLN H 110 62.54 -5.54 41.45
CA ARG H 111 65.54 -4.37 43.48
CA PRO H 112 68.89 -5.99 42.48
CA GLU H 113 69.82 -7.53 45.88
CA ARG H 114 69.65 -11.27 46.57
CA ARG H 115 68.16 -11.07 50.08
CA ALA H 116 64.52 -9.97 50.35
CA ALA H 117 65.26 -8.20 53.64
CA VAL H 118 67.95 -6.15 51.91
CA ARG H 119 65.68 -5.25 48.95
CA ILE H 120 62.99 -4.18 51.40
CA ALA H 121 65.38 -2.14 53.60
CA HIS H 122 66.75 -0.34 50.53
CA GLU H 123 63.29 0.46 49.13
CA LEU H 124 62.04 1.71 52.53
CA MET H 125 65.05 3.99 53.05
CA ASP H 126 64.63 5.47 49.57
CA ALA H 127 60.90 6.05 49.98
CA ALA H 128 61.37 7.65 53.43
CA GLU H 129 63.75 10.12 51.74
CA GLY H 130 61.11 10.74 49.05
CA LYS H 131 62.86 8.79 46.27
CA GLY H 132 62.63 5.40 44.54
CA GLY H 133 60.12 3.66 42.27
CA ALA H 134 57.30 3.39 44.80
CA VAL H 135 57.36 7.16 45.37
CA LYS H 136 57.69 7.72 41.61
CA LYS H 137 54.61 5.55 41.00
CA LYS H 138 52.62 7.62 43.50
CA GLU H 139 53.75 10.86 41.79
CA ASP H 140 52.80 9.52 38.34
CA VAL H 141 49.38 8.39 39.63
CA GLU H 142 48.61 11.80 41.19
CA ARG H 143 49.95 13.55 38.08
CA MET H 144 47.62 11.53 35.86
CA ALA H 145 44.69 12.34 38.13
CA GLU H 146 45.51 16.05 38.18
CA THR I 3 -43.18 29.04 12.06
CA ASP I 4 -45.58 26.41 13.22
CA PRO I 5 -47.14 27.74 16.48
CA ILE I 6 -49.01 24.49 17.09
CA ALA I 7 -45.78 22.42 16.89
CA ASP I 8 -44.13 24.93 19.09
CA MET I 9 -46.89 24.61 21.73
CA LEU I 10 -46.70 20.73 21.68
CA THR I 11 -42.95 20.78 22.04
CA ARG I 12 -43.29 23.30 24.95
CA ILE I 13 -45.77 20.95 26.62
CA ARG I 14 -43.78 17.65 26.03
CA ASN I 15 -40.60 19.39 27.22
CA ALA I 16 -42.13 20.69 30.41
CA THR I 17 -43.40 17.14 31.29
CA ARG I 18 -40.00 15.68 30.71
CA VAL I 19 -38.68 17.80 33.52
CA TYR I 20 -41.74 17.41 35.77
CA LYS I 21 -42.94 21.09 35.68
CA GLU I 22 -46.27 22.17 37.13
CA SER I 23 -47.10 24.41 34.11
CA THR I 24 -46.07 26.07 30.93
CA ASP I 25 -47.23 29.23 29.17
CA VAL I 26 -47.68 29.33 25.45
CA PRO I 27 -48.71 32.54 23.60
CA ALA I 28 -52.49 32.71 23.52
CA SER I 29 -54.59 31.91 20.39
CA ARG I 30 -58.18 30.64 19.85
CA PHE I 31 -56.98 27.60 17.94
CA LYS I 32 -54.34 26.71 20.55
CA GLU I 33 -57.11 27.20 23.23
CA GLU I 34 -59.36 24.63 21.60
CA ILE I 35 -56.51 22.03 21.26
CA LEU I 36 -55.93 22.60 25.03
CA ARG I 37 -59.64 22.32 25.59
CA ILE I 38 -59.44 18.70 24.13
CA LEU I 39 -56.17 17.67 25.84
CA ALA I 40 -57.80 18.76 29.15
CA ARG I 41 -61.17 16.91 28.59
CA GLU I 42 -59.26 13.74 27.52
CA GLY I 43 -57.00 13.70 30.58
CA PHE I 44 -53.59 14.70 29.14
CA ILE I 45 -53.31 17.91 31.06
CA LYS I 46 -55.01 19.12 34.32
CA GLY I 47 -56.29 22.26 32.57
CA TYR I 48 -55.30 25.71 31.31
CA GLU I 49 -55.99 29.29 32.19
CA ARG I 50 -55.68 32.52 30.27
CA VAL I 51 -52.89 34.79 31.66
CA ASP I 52 -51.90 38.34 30.65
CA VAL I 53 -48.38 39.01 31.48
CA ASP I 54 -47.49 42.68 30.87
CA GLY I 55 -50.15 43.09 28.17
CA LYS I 56 -49.36 39.95 26.23
CA PRO I 57 -51.89 37.11 26.28
CA TYR I 58 -50.66 33.73 27.25
CA LEU I 59 -52.33 30.43 27.97
CA ARG I 60 -50.97 28.67 31.06
CA VAL I 61 -51.18 24.94 30.79
CA TYR I 62 -51.28 22.97 34.06
CA LEU I 63 -49.45 19.74 33.52
CA LYS I 64 -50.71 16.39 34.87
CA TYR I 65 -48.67 13.54 36.27
CA GLY I 66 -49.72 9.97 36.98
CA PRO I 67 -49.01 7.75 40.00
CA ARG I 68 -45.72 7.24 41.85
CA ARG I 69 -43.59 4.61 40.45
CA GLN I 70 -43.73 1.04 41.41
CA GLY I 71 -40.78 1.07 43.95
CA PRO I 72 -38.42 4.03 45.22
CA ASP I 73 -38.11 5.98 42.14
CA PRO I 74 -39.56 9.52 42.92
CA ARG I 75 -40.48 10.30 39.40
CA PRO I 76 -44.23 10.02 38.67
CA GLU I 77 -45.42 8.05 35.88
CA GLN I 78 -46.14 10.43 32.96
CA VAL I 79 -49.62 10.96 31.35
CA ILE I 80 -48.61 12.38 27.89
CA HIS I 81 -46.39 9.69 26.54
CA HIS I 82 -46.26 10.85 22.87
CA ILE I 83 -47.58 14.17 21.49
CA ARG I 84 -46.74 14.90 17.77
CA ARG I 85 -47.71 17.03 14.72
CA ILE I 86 -48.83 15.44 11.53
CA SER I 87 -50.22 18.15 9.22
CA LYS I 88 -47.99 21.27 8.85
CA PRO I 89 -46.42 24.19 6.99
CA GLY I 90 -45.38 22.91 3.70
CA ARG I 91 -46.53 19.41 4.03
CA ARG I 92 -50.28 19.44 5.03
CA VAL I 93 -52.41 16.23 5.72
CA TYR I 94 -56.14 16.04 5.20
CA VAL I 95 -58.34 13.00 5.58
CA GLY I 96 -62.05 12.54 4.92
CA VAL I 97 -64.61 10.85 7.29
CA LYS I 98 -63.95 7.35 5.85
CA GLU I 99 -60.19 7.81 6.00
CA ILE I 100 -59.75 8.84 9.72
CA PRO I 101 -57.14 6.43 11.15
CA ARG I 102 -57.45 4.64 14.43
CA VAL I 103 -54.33 5.90 16.17
CA ARG I 104 -52.19 3.29 18.02
CA ARG I 105 -54.76 0.51 17.62
CA GLY I 106 -57.46 2.51 19.47
CA LEU I 107 -55.12 3.33 22.35
CA GLY I 108 -54.32 6.90 21.23
CA ILE I 109 -56.25 9.98 19.98
CA ALA I 110 -55.76 12.16 16.94
CA ILE I 111 -57.01 15.77 16.89
CA LEU I 112 -58.53 16.91 13.59
CA SER I 113 -59.44 20.53 12.60
CA THR I 114 -62.83 20.03 10.85
CA SER I 115 -65.72 22.02 9.55
CA LYS I 116 -67.52 21.41 12.77
CA GLY I 117 -64.41 22.63 14.72
CA VAL I 118 -61.52 20.89 16.55
CA LEU I 119 -62.75 17.40 17.28
CA THR I 120 -61.06 14.06 18.21
CA ASP I 121 -61.08 11.39 15.58
CA ARG I 122 -63.76 9.59 17.53
CA GLU I 123 -65.88 12.77 17.54
CA ALA I 124 -65.16 13.55 13.86
CA ARG I 125 -66.29 10.11 12.75
CA LYS I 126 -69.45 10.55 14.71
CA LEU I 127 -70.30 13.92 13.26
CA GLY I 128 -69.36 12.47 9.88
CA VAL I 129 -66.56 14.94 9.21
CA GLY I 130 -63.05 14.68 8.07
CA GLY I 131 -60.40 17.38 8.18
CA GLU I 132 -56.79 18.10 8.85
CA LEU I 133 -54.95 15.72 11.12
CA ILE I 134 -53.37 18.28 13.53
CA CYS I 135 -51.60 15.78 15.92
CA GLU I 136 -51.62 12.33 17.59
CA VAL I 137 -51.33 11.76 21.33
CA TRP I 138 -51.37 8.92 23.86
CA PRO J 2 -23.96 54.72 16.83
CA ILE J 3 -23.33 58.29 15.65
CA THR J 4 -25.37 60.69 17.86
CA LYS J 5 -26.93 64.02 16.87
CA GLU J 6 -26.58 63.02 13.19
CA GLU J 7 -28.53 59.85 13.90
CA LYS J 8 -31.78 61.75 13.51
CA GLN J 9 -30.78 64.67 11.23
CA LYS J 10 -33.18 63.00 8.78
CA VAL J 11 -33.02 59.21 9.22
CA ILE J 12 -36.16 58.06 11.06
CA GLN J 13 -37.66 61.50 11.68
CA GLU J 14 -38.27 61.28 7.93
CA PHE J 15 -38.93 57.53 7.87
CA ALA J 16 -40.07 56.62 11.41
CA ARG J 17 -43.17 58.72 12.12
CA PHE J 18 -42.86 57.87 15.81
CA PRO J 19 -40.34 57.40 18.62
CA GLY J 20 -40.53 53.66 17.87
CA ASP J 21 -41.36 53.59 14.13
CA THR J 22 -37.64 53.51 13.36
CA GLY J 23 -37.37 49.77 14.06
CA SER J 24 -40.28 49.06 11.70
CA THR J 25 -39.45 47.14 8.50
CA GLU J 26 -39.80 50.27 6.34
CA VAL J 27 -37.37 52.50 8.25
CA GLN J 28 -34.99 49.52 8.22
CA VAL J 29 -35.13 49.07 4.43
CA ALA J 30 -33.86 52.66 4.46
CA LEU J 31 -30.97 51.73 6.76
CA LEU J 32 -30.41 48.89 4.26
CA THR J 33 -29.19 51.48 1.75
CA LEU J 34 -26.72 53.13 4.15
CA ARG J 35 -25.12 49.82 5.17
CA ILE J 36 -24.81 49.27 1.40
CA ASN J 37 -22.72 52.35 0.58
CA ARG J 38 -20.55 51.86 3.69
CA LEU J 39 -20.25 48.19 2.78
CA SER J 40 -17.98 48.70 -0.25
CA GLU J 41 -15.74 51.08 1.73
CA HIS J 42 -15.29 48.41 4.39
CA LEU J 43 -12.11 46.63 3.26
CA LYS J 44 -11.10 49.96 1.66
CA VAL J 45 -9.93 51.09 5.10
CA HIS J 46 -9.95 48.02 7.35
CA LYS J 47 -6.67 46.08 7.75
CA LYS J 48 -7.16 43.20 10.21
CA ASP J 49 -10.55 41.46 10.38
CA HIS J 50 -11.15 38.81 7.69
CA HIS J 51 -14.51 36.99 7.68
CA SER J 52 -16.04 40.26 6.52
CA HIS J 53 -19.59 40.25 5.11
CA ARG J 54 -20.73 39.36 8.64
CA GLY J 55 -24.39 38.79 7.71
CA LEU J 56 -23.95 41.97 5.65
CA LEU J 57 -25.91 40.39 2.79
CA MET J 58 -29.49 40.68 4.08
CA MET J 59 -29.10 44.39 3.28
CA VAL J 60 -28.71 43.73 -0.46
CA GLY J 61 -31.54 41.15 -0.45
CA GLN J 62 -33.51 43.75 1.54
CA ARG J 63 -34.07 45.75 -1.64
CA ARG J 64 -33.61 43.46 -4.65
CA ARG J 65 -36.99 42.01 -3.61
CA LEU J 66 -38.38 44.35 -0.92
CA LEU J 67 -41.66 44.21 -2.85
CA ARG J 68 -41.88 40.47 -2.08
CA TYR J 69 -42.67 41.63 1.47
CA LEU J 70 -44.17 45.13 1.71
CA GLN J 71 -45.44 45.45 -1.88
CA ARG J 72 -46.79 41.92 -1.34
CA GLU J 73 -48.79 42.87 1.79
CA ASP J 74 -50.01 45.98 0.00
CA PRO J 75 -49.70 47.12 -3.63
CA GLU J 76 -50.22 50.73 -2.57
CA ARG J 77 -47.42 50.57 0.00
CA TYR J 78 -45.32 49.58 -3.02
CA ARG J 79 -45.39 53.17 -4.28
CA ALA J 80 -44.20 55.39 -1.42
CA LEU J 81 -40.89 54.35 0.12
CA ILE J 82 -39.99 53.30 -3.44
CA GLU J 83 -39.29 56.95 -4.21
CA LYS J 84 -37.58 57.51 -0.82
CA LEU J 85 -35.16 54.55 -0.54
CA GLY J 86 -33.60 53.19 -3.76
CA ILE J 87 -35.93 50.58 -5.24
CA ARG J 88 -36.46 51.10 -8.99
CA GLY J 89 -35.59 54.33 -10.80
CA GLN K 5 -55.16 15.30 3.04
CA ARG K 6 -54.95 17.56 -0.10
CA LYS K 7 -55.98 14.93 -2.75
CA VAL K 8 -57.72 17.23 -5.35
CA TYR K 9 -55.90 20.65 -5.82
CA VAL K 10 -57.17 23.27 -8.40
CA GLY K 11 -55.53 25.11 -11.46
CA ARG K 12 -53.93 28.61 -11.06
CA VAL K 13 -53.33 30.60 -14.33
CA VAL K 14 -54.39 28.75 -17.64
CA SER K 15 -52.37 29.92 -20.74
CA ASP K 16 -49.54 32.40 -19.76
CA LYS K 17 -48.96 33.06 -23.57
CA MET K 18 -49.42 29.79 -25.59
CA ASP K 19 -52.78 29.87 -27.64
CA LYS K 20 -53.66 26.20 -26.83
CA THR K 21 -53.25 26.16 -22.92
CA ILE K 22 -51.46 23.53 -20.60
CA THR K 23 -50.49 25.91 -17.72
CA VAL K 24 -52.47 25.33 -14.44
CA LEU K 25 -49.71 23.86 -12.05
CA VAL K 26 -50.72 20.81 -9.87
CA GLU K 27 -49.66 17.19 -8.80
CA THR K 28 -47.25 16.67 -5.82
CA TYR K 29 -45.79 13.88 -3.56
CA LYS K 30 -42.82 13.21 -1.19
CA LYS K 31 -40.86 10.99 -3.72
CA HIS K 32 -43.21 7.92 -3.13
CA PRO K 33 -41.47 4.48 -2.81
CA LEU K 34 -43.66 2.46 -5.31
CA TYR K 35 -41.94 -0.40 -7.34
CA GLY K 36 -39.34 1.78 -9.20
CA LYS K 37 -41.59 4.62 -10.53
CA ARG K 38 -41.07 7.13 -7.64
CA VAL K 39 -43.47 9.77 -9.26
CA LYS K 40 -40.71 10.86 -11.82
CA TYR K 41 -42.32 14.33 -12.42
CA SER K 42 -46.00 15.43 -13.22
CA LYS K 43 -46.35 19.10 -12.01
CA LYS K 44 -49.55 20.28 -13.87
CA TYR K 45 -52.93 19.33 -15.47
CA LYS K 46 -54.80 20.13 -18.77
CA ALA K 47 -57.68 22.71 -18.68
CA HIS K 48 -58.58 25.34 -21.37
CA ASP K 49 -59.64 28.97 -20.58
CA GLU K 50 -62.40 31.09 -21.73
CA HIS K 51 -64.68 33.23 -23.19
CA ASN K 52 -63.33 32.99 -26.69
CA GLU K 53 -60.60 30.85 -25.02
CA ALA K 54 -60.35 33.33 -22.08
CA LYS K 55 -56.67 32.48 -21.25
CA VAL K 56 -55.27 32.50 -17.66
CA GLY K 57 -58.61 32.26 -15.98
CA ASP K 58 -56.76 32.46 -12.02
CA ILE K 59 -57.73 29.08 -10.31
CA VAL K 60 -60.00 27.07 -12.72
CA LYS K 61 -60.56 24.18 -10.14
CA ILE K 62 -59.89 20.49 -11.16
CA MET K 63 -59.60 17.14 -9.26
CA GLU K 64 -58.30 15.00 -12.28
CA THR K 65 -60.56 11.93 -11.49
CA ARG K 66 -60.53 8.74 -13.70
CA PRO K 67 -62.70 8.06 -16.83
CA LEU K 68 -63.49 4.37 -15.94
CA SER K 69 -66.39 3.55 -18.39
CA ALA K 70 -68.98 6.44 -18.37
CA THR K 71 -68.94 9.95 -16.69
CA LYS K 72 -66.15 11.12 -14.25
CA ARG K 73 -63.65 12.62 -16.79
CA PHE K 74 -62.45 15.87 -15.07
CA ARG K 75 -64.36 18.30 -12.74
CA LEU K 76 -64.07 22.13 -13.27
CA VAL K 77 -65.40 25.59 -12.22
CA GLU K 78 -63.49 28.45 -14.03
CA ILE K 79 -62.83 31.88 -12.34
CA VAL K 80 -62.19 30.98 -8.63
CA GLU K 81 -59.39 33.10 -6.99
CA LYS K 82 -59.88 36.11 -9.36
CA ALA K 83 -57.82 36.87 -8.14
CA VAL K 84 -55.07 34.52 -6.70
CA ARG K 85 -51.32 35.03 -7.50
CA ALA K 86 -50.01 34.38 -7.32
CA GLY K 87 -47.52 32.29 -9.29
CA ALA K 88 -45.16 29.46 -8.21
CA GLY K 89 -41.79 28.41 -9.59
CA ALA K 90 -39.03 25.93 -9.32
CA GLY K 91 -35.24 26.52 -9.72
CA ALA K 92 -32.15 24.16 -9.80
CA ALA K 93 -28.44 25.16 -9.41
CA UNK L 1 -83.75 25.70 -56.46
CA UNK L 2 -82.49 25.47 -52.84
CA UNK L 3 -79.01 24.69 -54.15
CA UNK L 4 -78.89 27.88 -56.05
CA UNK L 5 -80.14 29.52 -52.85
CA UNK L 6 -77.28 28.13 -50.76
CA UNK L 7 -74.80 29.45 -53.31
CA UNK L 8 -76.36 32.91 -53.32
CA UNK L 9 -76.18 32.96 -49.48
CA UNK L 10 -73.17 34.80 -51.10
CA UNK L 11 -70.88 33.52 -52.31
CA UNK L 12 -69.29 33.40 -48.88
CA UNK L 13 -72.41 31.67 -47.42
CA UNK L 14 -72.32 29.10 -50.33
CA UNK L 15 -68.66 28.44 -49.66
CA UNK L 16 -69.29 27.94 -45.97
CA UNK L 17 -72.16 25.45 -46.70
CA UNK L 18 -69.72 23.62 -49.02
CA UNK L 19 -67.17 23.52 -46.20
CA UNK L 20 -69.67 22.01 -43.82
CA UNK L 21 -70.34 19.26 -46.46
CA UNK L 22 -66.59 18.65 -46.78
CA UNK L 23 -66.43 18.04 -42.98
CA UNK L 24 -69.46 15.66 -43.25
CA UNK L 25 -67.76 13.59 -45.88
CA UNK L 26 -64.88 13.20 -43.53
CA UNK L 27 -66.83 12.08 -40.52
CA UNK L 28 -68.64 9.68 -42.84
CA UNK L 29 -65.36 8.16 -43.94
CA UNK L 30 -64.59 7.52 -40.27
CA UNK L 31 -67.73 5.29 -40.03
CA UNK L 32 -64.74 3.51 -41.54
CA UNK L 33 -64.80 -0.03 -42.07
CA UNK L 34 -63.76 0.38 -45.05
CA UNK L 35 -63.01 -2.16 -47.84
CA UNK L 36 -66.47 -3.85 -47.33
CA UNK L 37 -65.93 -2.73 -47.55
CA UNK L 38 -69.68 -0.92 -45.51
CA UNK L 39 -68.38 2.62 -45.26
CA UNK L 40 -65.76 2.61 -48.01
CA UNK L 41 -68.75 1.92 -50.09
CA UNK L 42 -70.92 4.52 -48.34
CA UNK L 43 -68.21 7.13 -48.97
CA UNK L 44 -67.96 6.00 -52.56
CA UNK L 45 -71.68 6.65 -53.10
CA UNK L 46 -72.60 9.85 -51.14
CA UNK L 47 -69.76 11.22 -53.31
CA UNK L 48 -71.93 10.92 -56.43
CA UNK L 49 -74.67 12.82 -54.60
CA UNK L 50 -72.14 15.53 -53.54
CA UNK L 51 -70.69 15.89 -57.00
CA UNK L 52 -74.13 16.06 -58.49
CA UNK L 53 -75.48 18.75 -56.18
CA UNK L 54 -72.34 20.79 -56.72
CA UNK L 55 -72.66 20.58 -60.50
CA UNK L 56 -76.24 21.63 -60.39
CA UNK L 57 -75.65 24.59 -58.16
CA UNK L 58 -72.78 25.64 -60.48
CA UNK L 59 -72.61 25.76 -61.96
CA UNK L 60 -71.58 26.75 -64.82
CA UNK L 61 -71.78 29.90 -62.68
CA UNK L 62 -71.78 27.80 -59.57
CA UNK L 63 -68.63 26.29 -60.86
CA UNK L 64 -66.95 29.61 -61.16
CA UNK L 65 -68.19 30.73 -57.69
CA UNK L 66 -66.66 27.56 -56.20
CA UNK L 67 -66.10 24.87 -58.04
CA UNK L 68 -64.58 24.54 -54.65
CA UNK L 69 -67.44 22.30 -53.37
CA UNK L 70 -67.24 20.12 -56.51
CA UNK L 71 -63.54 19.76 -56.01
CA UNK L 72 -64.03 18.74 -52.38
CA UNK L 73 -66.57 16.19 -53.51
CA UNK L 74 -64.42 14.87 -56.40
CA UNK L 75 -61.35 14.71 -54.28
CA UNK L 76 -63.00 12.75 -51.48
CA UNK L 77 -64.30 10.32 -54.14
CA UNK L 78 -60.77 9.89 -55.54
CA UNK L 79 -59.63 9.23 -51.99
CA UNK L 80 -62.20 6.57 -51.23
CA UNK L 81 -61.36 4.91 -54.53
CA UNK L 82 -57.67 4.81 -53.84
CA UNK L 83 -58.13 3.52 -50.33
CA UNK L 84 -60.42 0.86 -51.93
CA UNK L 85 -57.82 -0.07 -54.52
CA UNK L 86 -55.23 -0.71 -51.80
CA UNK L 87 -57.59 -2.88 -49.72
CA UNK L 88 -58.81 -4.84 -52.77
CA UNK L 89 -55.14 -5.60 -53.66
CA UNK L 90 -54.73 -7.19 -50.22
CA UNK L 91 -56.78 -9.67 -50.73
CA UNK L 92 -55.19 -11.88 -53.29
CA UNK L 93 -51.79 -11.35 -51.60
CA UNK L 94 -52.85 -12.13 -48.09
CA UNK L 95 -54.93 -14.97 -49.45
CA UNK L 96 -51.98 -16.81 -51.22
CA UNK L 97 -49.75 -16.93 -48.17
CA UNK L 98 -52.71 -18.66 -46.68
CA UNK L 99 -52.70 -21.04 -49.56
CA UNK L 100 -49.34 -22.01 -51.02
CA ALA M 10 91.78 68.48 21.36
CA LEU M 11 91.37 66.29 24.44
CA LEU M 12 91.33 63.08 22.40
CA GLU M 13 94.39 64.53 20.65
CA LYS M 14 96.34 64.33 23.91
CA VAL M 15 95.90 60.57 24.28
CA ASP M 16 97.49 57.95 22.02
CA PRO M 17 94.84 55.19 21.70
CA ASN M 18 97.43 52.55 20.92
CA LYS M 19 99.66 53.25 23.88
CA ILE M 20 99.71 51.45 27.22
CA TYR M 21 100.76 54.10 29.74
CA THR M 22 102.59 53.50 32.98
CA ILE M 23 100.69 54.49 36.16
CA ASP M 24 102.98 57.47 36.64
CA GLU M 25 102.48 58.74 33.06
CA ALA M 26 98.72 58.33 33.38
CA ALA M 27 98.56 60.10 36.77
CA HIS M 28 100.16 63.11 35.10
CA LEU M 29 98.13 62.97 31.88
CA VAL M 30 94.90 62.79 33.90
CA LYS M 31 95.57 66.17 35.44
CA GLU M 32 96.14 67.66 31.97
CA LEU M 33 92.86 66.25 30.62
CA ALA M 34 90.95 67.64 33.59
CA THR M 35 88.76 70.73 33.09
CA ALA M 36 89.47 73.91 35.09
CA LYS M 37 85.76 74.56 35.83
CA PHE M 38 85.27 71.97 38.54
CA ASP M 39 87.06 69.05 40.16
CA GLU M 40 86.47 65.66 38.56
CA THR M 41 86.64 62.21 40.18
CA VAL M 42 89.34 59.86 38.83
CA GLU M 43 88.41 56.18 38.48
CA VAL M 44 90.00 52.88 37.60
CA HIS M 45 88.09 50.40 35.40
CA ALA M 46 89.31 46.85 34.85
CA LYS M 47 88.19 43.82 32.89
CA LEU M 48 88.77 40.65 34.93
CA GLY M 49 89.83 37.17 33.93
CA ILE M 50 86.88 35.47 35.61
CA ASP M 51 83.71 33.74 34.39
CA PRO M 52 81.11 36.33 35.49
CA ARG M 53 78.41 33.64 35.54
CA ARG M 54 80.22 31.56 38.17
CA SER M 55 79.19 32.33 41.75
CA ASP M 56 82.53 30.93 42.96
CA GLN M 57 84.57 33.44 40.92
CA ASN M 58 82.98 36.66 42.13
CA VAL M 59 85.33 39.44 43.27
CA ARG M 60 84.27 41.64 46.18
CA GLY M 61 86.16 43.41 48.93
CA THR M 62 87.33 46.78 50.22
CA VAL M 63 90.45 48.92 49.90
CA SER M 64 91.74 51.49 52.39
CA LEU M 65 93.17 54.06 49.98
CA PRO M 66 94.52 57.45 50.41
CA HIS M 67 93.12 59.55 49.01
CA GLY M 68 91.21 60.32 47.34
CA LEU M 69 90.00 59.32 44.47
CA GLY M 70 89.69 56.01 46.26
CA LYS M 71 89.47 55.20 49.97
CA GLN M 72 90.78 58.72 50.82
CA VAL M 73 87.58 60.43 49.58
CA ARG M 74 85.08 61.16 52.37
CA VAL M 75 81.68 60.45 50.85
CA LEU M 76 78.41 61.64 52.33
CA ALA M 77 75.43 59.57 51.16
CA ILE M 78 71.93 60.98 51.66
CA ALA M 79 69.09 58.50 51.11
CA LYS M 80 65.89 57.20 52.66
CA GLY M 81 64.57 53.92 53.98
CA GLU M 82 66.39 50.73 53.03
CA LYS M 83 68.83 52.64 50.81
CA ILE M 84 70.33 54.21 53.98
CA LYS M 85 71.32 50.67 54.86
CA GLU M 86 72.61 49.97 51.35
CA ALA M 87 74.77 53.12 51.61
CA GLU M 88 76.19 52.04 55.00
CA GLU M 89 76.91 48.54 53.61
CA ALA M 90 78.66 49.99 50.52
CA GLY M 91 81.07 51.89 52.80
CA ALA M 92 80.15 55.59 52.63
CA ASP M 93 81.96 57.61 55.28
CA TYR M 94 78.87 59.56 56.32
CA VAL M 95 75.28 58.55 55.82
CA GLY M 96 72.06 60.27 56.73
CA GLY M 97 68.42 60.77 55.82
CA GLU M 98 67.01 64.24 55.04
CA GLU M 99 67.71 65.04 58.70
CA ILE M 100 71.39 65.41 57.75
CA ILE M 101 70.52 68.61 55.79
CA GLN M 102 70.12 70.56 59.05
CA LYS M 103 73.64 69.54 60.14
CA ILE M 104 75.09 70.89 56.84
CA LEU M 105 73.11 74.17 57.07
CA ASP M 106 74.60 74.56 60.55
CA GLY M 107 78.07 74.53 59.06
CA TRP M 108 79.24 70.92 58.87
CA MET M 109 81.26 70.19 55.68
CA ASP M 110 83.63 67.24 56.53
CA PHE M 111 82.82 65.53 53.22
CA ASP M 112 84.52 65.66 49.82
CA ALA M 113 81.70 64.28 47.65
CA VAL M 114 77.94 63.94 48.03
CA VAL M 115 75.77 61.19 46.51
CA ALA M 116 71.99 60.86 46.84
CA THR M 117 68.96 58.79 45.91
CA PRO M 118 66.37 60.58 43.70
CA ASP M 119 63.74 60.62 46.41
CA VAL M 120 65.69 63.04 48.65
CA MET M 121 66.63 65.49 45.89
CA GLY M 122 63.65 67.81 46.30
CA ALA M 123 64.85 68.66 49.81
CA VAL M 124 68.56 68.59 48.94
CA GLY M 125 68.21 70.89 45.92
CA SER M 126 65.77 73.18 47.66
CA LYS M 127 67.79 73.71 50.84
CA LEU M 128 71.41 73.10 49.83
CA GLY M 129 71.49 74.35 46.25
CA ARG M 130 73.35 77.54 47.09
CA ILE M 131 75.82 75.79 49.37
CA LEU M 132 76.72 72.69 47.35
CA GLY M 133 76.13 74.25 43.92
CA PRO M 134 79.04 76.77 43.82
CA ARG M 135 81.36 74.10 45.22
CA GLY M 136 80.48 71.61 42.47
CA LEU M 137 79.11 69.14 45.03
CA LEU M 138 75.38 69.26 44.27
CA PRO M 139 74.35 65.68 43.30
CA ASN M 140 73.19 65.48 39.71
CA PRO M 141 71.79 62.55 37.68
CA LYS M 142 73.69 63.50 34.54
CA ALA M 143 76.89 63.58 36.61
CA GLY M 144 76.05 60.10 37.88
CA THR M 145 75.81 61.12 41.53
CA VAL M 146 72.04 60.71 41.94
CA GLY M 147 70.69 57.21 41.57
CA PHE M 148 68.73 54.43 43.19
CA ASN M 149 71.73 52.13 42.85
CA ILE M 150 73.48 54.12 45.55
CA GLY M 151 75.68 51.21 46.66
CA GLU M 152 77.18 50.87 43.18
CA ILE M 153 77.74 54.60 43.00
CA ILE M 154 79.67 54.75 46.28
CA ARG M 155 81.69 51.67 45.38
CA GLU M 156 82.85 53.28 42.10
CA ILE M 157 84.13 56.40 43.84
CA LYS M 158 85.84 54.35 46.54
CA ALA M 159 87.34 52.16 43.74
CA GLY M 160 87.72 52.66 46.41
CA ARG M 161 87.37 52.46 49.45
CA ILE M 162 86.08 51.12 48.92
CA GLU M 163 84.01 48.72 48.59
CA PHE M 164 84.37 47.05 45.17
CA ARG M 165 82.49 44.25 43.35
CA ASN M 166 82.62 42.97 39.77
CA ASP M 167 79.53 43.45 37.64
CA LYS M 168 77.73 40.90 35.43
CA THR M 169 80.12 41.54 32.53
CA GLY M 170 83.24 40.76 34.56
CA ALA M 171 84.31 44.40 34.89
CA ILE M 172 85.09 46.32 38.06
CA HIS M 173 85.13 50.12 38.62
CA ALA M 174 86.11 52.25 41.60
CA PRO M 175 86.93 55.90 42.38
CA VAL M 176 90.57 56.47 43.40
CA GLY M 177 90.87 60.22 43.89
CA LYS M 178 90.14 63.63 42.35
CA ALA M 179 91.81 65.44 39.45
CA SER M 180 93.04 68.06 41.93
CA PHE M 181 95.22 65.49 43.74
CA PRO M 182 99.02 65.72 43.28
CA PRO M 183 99.94 63.01 40.71
CA GLU M 184 102.09 61.06 43.20
CA LYS M 185 99.08 60.65 45.48
CA LEU M 186 96.86 59.59 42.60
CA ALA M 187 99.53 57.08 41.55
CA ASP M 188 99.66 55.65 45.10
CA ASN M 189 95.87 55.27 45.17
CA ILE M 190 95.77 53.60 41.73
CA ARG M 191 98.43 51.07 42.88
CA ALA M 192 96.65 50.59 46.18
CA PHE M 193 93.41 49.65 44.35
CA ILE M 194 95.28 47.20 42.06
CA ARG M 195 96.95 45.37 45.01
CA ALA M 196 93.62 45.05 46.84
CA LEU M 197 92.12 43.61 43.59
CA GLU M 198 94.94 41.06 43.22
CA ALA M 199 94.68 40.04 46.86
CA HIS M 200 91.08 39.02 46.02
CA LYS M 201 91.90 36.93 42.98
CA PRO M 202 89.36 34.01 43.01
CA GLU M 203 90.55 30.53 43.85
CA GLY M 204 90.46 28.70 40.56
CA ALA M 205 90.43 31.68 38.17
CA LYS M 206 92.58 30.77 35.16
CA GLY M 207 94.51 33.08 32.89
CA THR M 208 95.60 36.70 33.32
CA PHE M 209 93.42 38.15 36.07
CA LEU M 210 93.75 41.78 34.99
CA ARG M 211 92.96 41.56 31.29
CA SER M 212 92.88 45.35 30.68
CA VAL M 213 92.96 48.35 33.00
CA TYR M 214 92.07 51.97 32.38
CA VAL M 215 92.16 55.28 34.24
CA THR M 216 89.60 57.95 33.38
CA THR M 217 88.01 61.09 34.78
CA THR M 218 84.25 61.54 35.01
CA MET M 219 84.02 63.38 31.66
CA GLY M 220 87.40 62.93 30.02
CA PRO M 221 88.72 60.12 27.80
CA SER M 222 90.05 56.75 29.03
CA VAL M 223 93.79 55.99 29.29
CA ARG M 224 94.91 52.35 29.12
CA ILE M 225 97.51 51.52 31.81
CA ASN M 226 100.01 48.77 32.66
CA PRO M 227 98.68 47.61 36.08
CA HIS M 228 102.14 46.36 37.08
CA SER M 229 103.94 49.69 36.71
CA PRO N 8 47.65 -65.11 -102.72
CA ILE N 9 43.85 -65.49 -102.44
CA GLU N 10 42.36 -68.77 -103.53
CA ILE N 11 39.53 -68.44 -106.07
CA PRO N 12 36.96 -71.03 -105.01
CA ALA N 13 34.76 -72.81 -107.51
CA GLY N 14 31.91 -70.96 -109.11
CA VAL N 15 33.76 -67.70 -108.50
CA THR N 16 34.88 -65.49 -111.40
CA VAL N 17 37.45 -62.70 -110.68
CA THR N 18 38.08 -59.88 -113.15
CA VAL N 19 40.77 -57.21 -112.83
CA ASN N 20 41.01 -54.02 -114.87
CA GLY N 21 43.61 -51.61 -113.59
CA ASN N 22 42.68 -50.86 -109.99
CA THR N 23 39.09 -52.07 -110.18
CA VAL N 24 38.30 -55.67 -109.25
CA THR N 25 35.03 -57.49 -109.96
CA VAL N 26 34.22 -60.77 -108.17
CA LYS N 27 31.09 -62.77 -109.01
CA GLY N 28 29.75 -65.86 -107.31
CA PRO N 29 26.58 -67.71 -106.28
CA LYS N 30 25.84 -65.25 -103.49
CA GLY N 31 26.34 -62.05 -105.49
CA GLU N 32 28.70 -59.79 -107.48
CA LEU N 33 30.95 -57.04 -106.05
CA THR N 34 33.17 -54.45 -107.72
CA ARG N 35 35.83 -52.63 -105.76
CA THR N 36 38.65 -50.20 -106.49
CA PHE N 37 41.99 -50.43 -104.67
CA HIS N 38 44.97 -48.19 -103.97
CA PRO N 39 46.78 -47.39 -107.28
CA ASP N 40 50.15 -48.44 -105.87
CA MET N 41 48.96 -52.02 -105.46
CA THR N 42 49.13 -54.46 -108.41
CA ILE N 43 46.44 -57.13 -108.44
CA THR N 44 46.64 -60.12 -110.79
CA VAL N 45 44.68 -63.34 -111.29
CA GLU N 46 47.50 -65.91 -111.41
CA GLY N 47 45.47 -68.78 -112.92
CA ASN N 48 43.63 -70.07 -109.83
CA VAL N 49 44.73 -67.43 -107.23
CA ILE N 50 44.65 -63.66 -106.87
CA THR N 51 48.03 -62.21 -106.10
CA VAL N 52 48.76 -58.69 -104.66
CA THR N 53 52.20 -57.11 -105.38
CA ARG N 54 53.28 -53.94 -103.56
CA PRO N 55 55.81 -51.57 -105.28
CA SER N 56 58.31 -51.45 -102.38
CA ASP N 57 59.14 -52.76 -98.91
CA GLU N 58 58.60 -49.56 -96.98
CA LYS N 59 56.07 -49.65 -94.14
CA HIS N 60 53.13 -47.86 -95.75
CA HIS N 61 53.25 -50.34 -98.60
CA ARG N 62 53.53 -53.35 -96.33
CA ALA N 63 50.42 -52.04 -94.52
CA LEU N 64 48.63 -51.31 -97.80
CA HIS N 65 49.49 -54.84 -99.01
CA GLY N 66 47.87 -56.64 -96.06
CA THR N 67 44.84 -54.29 -96.09
CA THR N 68 44.29 -54.87 -99.88
CA ARG N 69 44.66 -58.63 -99.35
CA SER N 70 42.05 -58.71 -96.60
CA LEU N 71 39.49 -56.74 -98.64
CA LEU N 72 39.89 -59.19 -101.50
CA ALA N 73 39.59 -62.19 -99.19
CA ASN N 74 36.31 -60.80 -97.80
CA MET N 75 35.03 -60.01 -101.32
CA VAL N 76 35.71 -63.65 -102.18
CA GLU N 77 33.99 -64.82 -98.94
CA GLY N 78 30.89 -62.66 -99.62
CA VAL N 79 30.03 -63.95 -103.10
CA SER N 80 30.82 -67.52 -102.19
CA LYS N 81 29.62 -67.88 -98.64
CA GLY N 82 26.10 -65.81 -99.43
CA TYR N 83 27.15 -62.56 -95.65
CA GLU N 84 24.83 -61.39 -92.88
CA LYS N 85 24.59 -59.16 -89.85
CA ALA N 86 21.85 -59.44 -87.17
CA LEU N 87 20.32 -56.67 -84.99
CA GLU N 88 17.85 -56.91 -82.11
CA LEU N 89 15.14 -54.56 -80.78
CA VAL N 90 14.97 -53.95 -77.05
CA GLY N 91 12.07 -52.07 -75.58
CA VAL N 92 8.41 -52.62 -74.88
CA GLY N 93 6.36 -51.93 -78.03
CA TYR N 94 9.49 -51.97 -80.18
CA ARG N 95 8.93 -54.17 -83.19
CA ALA N 96 9.91 -54.77 -86.81
CA SER N 97 7.91 -56.18 -89.71
CA LYS N 98 8.33 -56.75 -93.41
CA GLN N 99 5.91 -54.88 -95.70
CA GLY N 100 7.06 -55.66 -99.22
CA LYS N 101 10.77 -55.13 -99.76
CA LYS N 102 10.49 -52.58 -96.95
CA LEU N 103 11.53 -52.92 -93.30
CA VAL N 104 8.98 -51.17 -91.04
CA LEU N 105 10.25 -50.15 -87.61
CA SER N 106 8.12 -49.17 -84.61
CA VAL N 107 10.77 -47.80 -82.21
CA GLY N 108 9.13 -45.25 -79.95
CA TYR N 109 8.57 -42.29 -82.30
CA SER N 110 5.10 -40.99 -83.13
CA HIS N 111 5.21 -42.87 -86.48
CA PRO N 112 7.09 -45.86 -87.96
CA VAL N 113 10.42 -45.70 -89.79
CA GLU N 114 10.49 -47.48 -93.18
CA ILE N 115 13.74 -48.62 -94.78
CA GLU N 116 14.09 -50.01 -98.22
CA PRO N 117 17.32 -51.84 -99.03
CA GLU N 118 19.23 -50.94 -102.13
CA GLU N 119 19.93 -53.34 -104.95
CA GLY N 120 21.90 -56.39 -103.89
CA LEU N 121 20.70 -56.18 -100.22
CA GLU N 122 18.01 -58.08 -98.31
CA ILE N 123 16.54 -57.59 -94.88
CA GLU N 124 14.77 -60.41 -93.13
CA VAL N 125 12.67 -60.16 -89.95
CA PRO N 126 12.30 -63.73 -88.53
CA SER N 127 10.74 -62.52 -85.27
CA GLN N 128 9.47 -59.06 -84.34
CA THR N 129 12.58 -58.21 -82.41
CA LYS N 130 15.22 -59.56 -84.78
CA ILE N 131 16.40 -58.06 -88.07
CA ILE N 132 18.89 -59.78 -90.43
CA VAL N 133 20.67 -57.90 -93.23
CA LYS N 134 22.23 -60.00 -95.97
CA GLY N 135 23.95 -59.79 -99.28
CA ALA N 136 27.09 -60.64 -101.23
CA ASP N 137 29.09 -57.57 -100.35
CA LYS N 138 30.33 -57.80 -96.71
CA GLN N 139 30.90 -54.05 -96.64
CA ARG N 140 27.49 -53.03 -97.91
CA VAL N 141 25.92 -55.44 -95.42
CA GLY N 142 27.93 -53.88 -92.61
CA GLU N 143 26.96 -50.36 -93.74
CA LEU N 144 23.18 -50.94 -94.00
CA ALA N 145 23.07 -52.66 -90.57
CA ALA N 146 24.91 -49.64 -89.05
CA ASN N 147 22.39 -47.32 -90.67
CA ILE N 148 19.45 -49.30 -89.28
CA ARG N 149 20.93 -49.30 -85.76
CA ALA N 150 21.50 -45.52 -86.11
CA VAL N 151 17.72 -44.97 -86.46
CA ARG N 152 17.55 -45.46 -82.71
CA PRO N 153 20.72 -46.71 -80.99
CA PRO N 154 20.58 -48.19 -77.38
CA GLU N 155 19.90 -45.64 -74.61
CA PRO N 156 22.10 -45.82 -71.48
CA TYR N 157 19.55 -46.04 -68.72
CA LYS N 158 17.66 -49.08 -69.89
CA GLY N 159 19.30 -50.25 -73.12
CA LYS N 160 16.25 -49.57 -75.29
CA GLY N 161 16.75 -49.06 -78.99
CA ILE N 162 18.36 -51.17 -81.71
CA ARG N 163 21.64 -52.98 -81.03
CA TYR N 164 23.75 -55.45 -82.96
CA GLU N 165 22.94 -59.07 -82.00
CA GLY N 166 25.89 -59.47 -79.62
CA GLU N 167 26.15 -55.81 -78.53
CA LEU N 168 27.43 -55.35 -74.99
CA VAL N 169 25.43 -52.41 -73.71
CA ARG N 170 25.35 -52.56 -69.97
CA LEU N 171 22.72 -50.30 -68.43
CA GLN O 8 21.03 -79.08 -60.62
CA ILE O 9 21.41 -78.30 -56.92
CA LYS O 10 23.81 -79.69 -54.32
CA LEU O 11 23.84 -79.68 -50.53
CA GLN O 12 25.06 -81.59 -47.48
CA LEU O 13 22.14 -83.15 -45.61
CA PRO O 14 22.53 -85.25 -42.43
CA ALA O 15 21.96 -89.01 -42.64
CA GLY O 16 18.41 -89.81 -41.53
CA LYS O 17 16.78 -86.37 -41.55
CA ALA O 18 15.23 -83.90 -44.01
CA THR O 19 12.27 -81.55 -44.69
CA PRO O 20 13.14 -78.50 -42.55
CA ALA O 21 12.51 -75.12 -44.15
CA PRO O 22 15.75 -73.37 -43.12
CA PRO O 23 18.09 -76.31 -43.99
CA VAL O 24 16.42 -77.90 -47.05
CA GLY O 25 13.04 -76.55 -48.20
CA PRO O 26 13.71 -72.98 -49.50
CA ALA O 27 17.00 -74.08 -51.10
CA LEU O 28 16.01 -76.50 -53.87
CA GLY O 29 12.37 -75.84 -53.06
CA GLN O 30 12.82 -72.71 -55.17
CA HIS O 31 14.18 -74.57 -58.21
CA GLY O 32 11.08 -76.70 -58.69
CA VAL O 33 11.84 -79.67 -56.44
CA ASN O 34 9.04 -81.20 -54.35
CA ILE O 35 10.56 -81.39 -50.85
CA MET O 36 8.41 -84.21 -49.36
CA GLU O 37 9.46 -86.67 -52.10
CA PHE O 38 13.16 -85.94 -51.51
CA CYS O 39 13.02 -86.01 -47.70
CA LYS O 40 11.58 -89.53 -47.60
CA ARG O 41 13.66 -90.59 -50.62
CA PHE O 42 16.93 -89.17 -49.32
CA ASN O 43 16.34 -90.49 -45.80
CA ALA O 44 15.58 -93.83 -47.42
CA GLU O 45 19.03 -94.89 -48.64
CA THR O 46 20.76 -92.61 -46.13
CA ALA O 47 19.68 -95.32 -43.69
CA ASP O 48 22.59 -97.61 -44.56
CA LYS O 49 24.85 -94.78 -43.39
CA ALA O 50 23.22 -92.88 -40.52
CA GLY O 51 24.56 -90.27 -38.13
CA MET O 52 26.98 -88.81 -40.67
CA ILE O 53 26.55 -85.70 -42.79
CA LEU O 54 26.52 -86.79 -46.43
CA PRO O 55 26.52 -84.50 -49.52
CA VAL O 56 23.94 -85.22 -52.22
CA VAL O 57 23.68 -83.78 -55.73
CA ILE O 58 20.05 -83.22 -56.64
CA THR O 59 19.19 -82.84 -60.32
CA VAL O 60 15.86 -81.35 -61.41
CA TYR O 61 14.50 -81.96 -64.93
CA GLU O 62 12.34 -79.43 -66.79
CA ASP O 63 9.28 -81.34 -65.54
CA LYS O 64 10.15 -80.55 -61.89
CA SER O 65 10.99 -84.24 -61.35
CA PHE O 66 14.39 -85.15 -59.95
CA THR O 67 17.12 -87.65 -59.06
CA PHE O 68 20.15 -87.34 -56.81
CA ILE O 69 23.46 -89.03 -56.18
CA ILE O 70 24.64 -89.59 -52.61
CA LYS O 71 28.39 -89.22 -52.03
CA THR O 72 30.78 -89.88 -49.17
CA PRO O 73 30.79 -87.32 -46.31
CA PRO O 74 33.14 -84.31 -46.60
CA ALA O 75 36.77 -84.69 -45.60
CA SER O 76 36.50 -81.91 -43.05
CA PHE O 77 33.53 -83.76 -41.52
CA LEU O 78 35.17 -87.17 -41.31
CA LEU O 79 38.26 -85.41 -39.93
CA LYS O 80 36.26 -83.62 -37.25
CA LYS O 81 34.74 -86.95 -36.27
CA ALA O 82 38.11 -88.71 -36.25
CA ALA O 83 39.73 -86.03 -34.08
CA GLY O 84 36.68 -86.24 -31.86
CA ILE O 85 36.17 -82.50 -32.16
CA GLU O 86 33.12 -80.43 -33.13
CA LYS O 87 34.72 -77.59 -35.09
CA GLY O 88 37.90 -76.84 -36.99
CA SER O 89 40.47 -74.38 -35.69
CA SER O 90 39.41 -70.77 -36.08
CA GLU O 91 42.99 -70.20 -37.18
CA PRO O 92 44.38 -73.32 -38.93
CA LYS O 93 48.07 -74.03 -38.35
CA ARG O 94 48.24 -71.15 -35.88
CA LYS O 95 46.09 -73.10 -33.42
CA ILE O 96 45.73 -76.87 -33.43
CA VAL O 97 42.35 -77.96 -32.07
CA GLY O 98 42.77 -81.68 -32.55
CA LYS O 99 44.77 -84.53 -34.02
CA VAL O 100 44.51 -87.85 -35.82
CA THR O 101 46.79 -90.80 -36.40
CA ARG O 102 48.31 -91.60 -39.78
CA LYS O 103 46.17 -94.72 -39.78
CA GLN O 104 43.08 -92.54 -39.38
CA ILE O 105 44.07 -90.53 -42.43
CA GLU O 106 44.28 -93.89 -44.17
CA GLU O 107 40.74 -94.77 -43.04
CA ILE O 108 39.23 -91.52 -44.23
CA ALA O 109 41.15 -91.62 -47.50
CA LYS O 110 39.78 -95.13 -47.95
CA THR O 111 36.26 -94.03 -47.06
CA LYS O 112 36.28 -91.11 -49.49
CA MET O 113 38.12 -93.05 -52.21
CA PRO O 114 35.05 -93.40 -54.45
CA ASP O 115 34.94 -89.59 -54.57
CA LEU O 116 38.71 -89.10 -54.68
CA ASN O 117 40.74 -89.04 -57.90
CA ALA O 118 43.99 -90.42 -56.45
CA ASN O 119 45.61 -93.35 -58.25
CA SER O 120 47.11 -94.67 -55.02
CA LEU O 121 46.15 -94.93 -51.36
CA GLU O 122 49.20 -92.75 -50.71
CA ALA O 123 47.91 -89.98 -52.97
CA ALA O 124 44.50 -90.33 -51.31
CA MET O 125 45.98 -89.80 -47.86
CA LYS O 126 47.96 -86.84 -49.14
CA ILE O 127 44.65 -85.37 -50.24
CA ILE O 128 42.99 -85.93 -46.87
CA GLU O 129 46.02 -84.51 -45.08
CA GLY O 130 45.65 -81.37 -47.11
CA THR O 131 42.20 -80.89 -45.63
CA ALA O 132 43.29 -81.68 -42.08
CA LYS O 133 46.07 -79.13 -42.44
CA SER O 134 43.39 -76.61 -43.33
CA MET O 135 41.29 -77.14 -40.21
CA GLY O 136 43.91 -77.19 -37.48
CA ILE O 137 43.98 -80.97 -37.16
CA GLU O 138 47.40 -82.57 -36.76
CA VAL O 139 48.58 -86.03 -37.78
CA VAL O 140 50.51 -88.37 -35.48
#